data_5DS2
#
_entry.id   5DS2
#
_cell.length_a   89.060
_cell.length_b   89.060
_cell.length_c   142.900
_cell.angle_alpha   90.00
_cell.angle_beta   90.00
_cell.angle_gamma   120.00
#
_symmetry.space_group_name_H-M   'P 32 2 1'
#
loop_
_entity.id
_entity.type
_entity.pdbx_description
1 polymer '18.1 kDa class I heat shock protein'
2 non-polymer 'SULFATE ION'
3 water water
#
_entity_poly.entity_id   1
_entity_poly.type   'polypeptide(L)'
_entity_poly.pdbx_seq_one_letter_code
;GSTRVDWKETPEAHVFKADLPGLKKEEVKVEVEDDRVLQISGERSVEKEDKNDEWHRVERSSGKFLRRFRLPENAKMDKV
KASMENGVLTVTVPK
;
_entity_poly.pdbx_strand_id   A,B,C,D,E,F
#
# COMPACT_ATOMS: atom_id res chain seq x y z
N SER A 2 -6.56 -2.05 5.15
CA SER A 2 -7.90 -1.31 5.13
C SER A 2 -8.71 -1.43 3.80
N THR A 3 -9.99 -1.65 3.95
CA THR A 3 -10.87 -1.94 2.84
C THR A 3 -11.02 -0.75 1.96
N ARG A 4 -10.88 -0.90 0.64
CA ARG A 4 -10.97 0.19 -0.29
C ARG A 4 -12.43 0.36 -0.61
N VAL A 5 -12.91 1.59 -0.43
CA VAL A 5 -14.34 1.86 -0.63
C VAL A 5 -14.49 3.14 -1.45
N ASP A 6 -15.30 3.04 -2.54
CA ASP A 6 -15.72 4.24 -3.27
C ASP A 6 -17.10 4.67 -2.76
N TRP A 7 -17.39 5.97 -2.77
CA TRP A 7 -18.66 6.46 -2.37
C TRP A 7 -19.03 7.55 -3.36
N LYS A 8 -20.13 7.32 -4.04
CA LYS A 8 -20.67 8.21 -5.05
C LYS A 8 -22.03 8.63 -4.62
N GLU A 9 -22.41 9.86 -4.94
CA GLU A 9 -23.74 10.31 -4.67
C GLU A 9 -24.39 10.71 -5.99
N THR A 10 -25.48 10.03 -6.31
CA THR A 10 -26.28 10.35 -7.47
C THR A 10 -27.45 11.20 -7.01
N PRO A 11 -28.23 11.70 -7.96
CA PRO A 11 -29.43 12.39 -7.54
C PRO A 11 -30.38 11.48 -6.74
N GLU A 12 -30.33 10.18 -6.97
CA GLU A 12 -31.25 9.25 -6.32
C GLU A 12 -30.73 8.56 -5.06
N ALA A 13 -29.41 8.43 -4.89
CA ALA A 13 -28.87 7.60 -3.85
C ALA A 13 -27.39 7.86 -3.56
N HIS A 14 -26.97 7.42 -2.38
CA HIS A 14 -25.60 7.27 -2.03
C HIS A 14 -25.22 5.80 -2.33
N VAL A 15 -24.15 5.63 -3.11
CA VAL A 15 -23.73 4.29 -3.55
C VAL A 15 -22.32 4.06 -3.15
N PHE A 16 -22.14 3.02 -2.31
CA PHE A 16 -20.83 2.59 -1.78
C PHE A 16 -20.46 1.27 -2.47
N LYS A 17 -19.18 1.17 -2.89
CA LYS A 17 -18.64 -0.05 -3.43
C LYS A 17 -17.37 -0.35 -2.65
N ALA A 18 -17.34 -1.51 -2.01
CA ALA A 18 -16.19 -1.98 -1.27
C ALA A 18 -15.56 -3.24 -1.89
N ASP A 19 -14.26 -3.22 -2.09
CA ASP A 19 -13.53 -4.39 -2.56
C ASP A 19 -13.28 -5.31 -1.38
N LEU A 20 -13.98 -6.44 -1.38
CA LEU A 20 -13.88 -7.44 -0.36
C LEU A 20 -13.75 -8.85 -1.00
N PRO A 21 -12.64 -9.08 -1.69
CA PRO A 21 -12.41 -10.38 -2.31
C PRO A 21 -12.36 -11.49 -1.30
N GLY A 22 -13.01 -12.57 -1.65
CA GLY A 22 -13.02 -13.79 -0.88
C GLY A 22 -14.18 -13.87 0.07
N LEU A 23 -14.99 -12.85 0.09
CA LEU A 23 -16.20 -12.78 0.92
C LEU A 23 -17.43 -12.90 0.03
N LYS A 24 -18.48 -13.48 0.57
CA LYS A 24 -19.85 -13.26 -0.01
C LYS A 24 -20.82 -12.51 0.96
N LYS A 25 -21.98 -12.17 0.38
CA LYS A 25 -22.90 -11.21 1.00
C LYS A 25 -23.24 -11.54 2.45
N GLU A 26 -23.51 -12.80 2.73
CA GLU A 26 -23.94 -13.23 4.08
C GLU A 26 -22.81 -13.07 5.11
N GLU A 27 -21.56 -12.99 4.67
CA GLU A 27 -20.42 -12.80 5.60
C GLU A 27 -20.10 -11.30 5.94
N VAL A 28 -20.71 -10.37 5.21
CA VAL A 28 -20.39 -8.98 5.43
C VAL A 28 -21.55 -8.38 6.24
N LYS A 29 -21.28 -7.79 7.38
CA LYS A 29 -22.30 -7.09 8.14
C LYS A 29 -22.43 -5.62 7.74
N VAL A 30 -23.61 -5.24 7.29
CA VAL A 30 -23.90 -3.87 6.87
C VAL A 30 -24.94 -3.35 7.84
N GLU A 31 -24.65 -2.29 8.57
CA GLU A 31 -25.59 -1.82 9.57
C GLU A 31 -25.54 -0.31 9.68
N VAL A 32 -26.61 0.21 10.23
CA VAL A 32 -26.76 1.61 10.46
C VAL A 32 -26.72 1.82 11.95
N GLU A 33 -25.97 2.82 12.38
CA GLU A 33 -25.92 3.17 13.77
C GLU A 33 -26.45 4.57 13.97
N ASP A 34 -26.64 4.91 15.23
CA ASP A 34 -27.16 6.23 15.57
C ASP A 34 -26.29 7.29 14.89
N ASP A 35 -26.95 8.36 14.47
CA ASP A 35 -26.28 9.53 13.92
C ASP A 35 -25.88 9.29 12.45
N ARG A 36 -26.67 8.48 11.74
CA ARG A 36 -26.56 8.37 10.31
C ARG A 36 -25.24 7.73 9.90
N VAL A 37 -24.75 6.81 10.70
CA VAL A 37 -23.51 6.17 10.41
C VAL A 37 -23.76 4.82 9.75
N LEU A 38 -23.15 4.62 8.59
CA LEU A 38 -23.18 3.31 7.88
C LEU A 38 -21.88 2.57 8.27
N GLN A 39 -22.04 1.37 8.80
CA GLN A 39 -20.88 0.53 9.14
C GLN A 39 -20.84 -0.78 8.38
N ILE A 40 -19.67 -1.12 7.84
CA ILE A 40 -19.46 -2.36 7.08
C ILE A 40 -18.38 -3.11 7.82
N SER A 41 -18.57 -4.40 8.13
CA SER A 41 -17.59 -5.10 8.81
C SER A 41 -17.73 -6.60 8.62
N GLY A 42 -16.71 -7.30 9.04
CA GLY A 42 -16.65 -8.75 8.90
C GLY A 42 -15.23 -9.27 9.01
N GLU A 43 -15.07 -10.53 8.67
CA GLU A 43 -13.79 -11.19 8.79
C GLU A 43 -13.62 -12.14 7.69
N ARG A 44 -12.49 -12.00 7.02
CA ARG A 44 -12.15 -12.89 6.03
C ARG A 44 -11.42 -14.08 6.64
N SER A 45 -11.99 -15.25 6.37
CA SER A 45 -11.51 -16.49 6.88
C SER A 45 -10.32 -16.99 6.02
N VAL A 46 -9.54 -17.85 6.61
CA VAL A 46 -8.35 -18.38 6.01
C VAL A 46 -8.45 -19.89 6.00
N GLU A 47 -8.16 -20.49 4.85
CA GLU A 47 -8.08 -21.98 4.73
C GLU A 47 -7.13 -22.58 5.76
N LYS A 48 -7.49 -23.70 6.34
CA LYS A 48 -6.58 -24.41 7.25
C LYS A 48 -5.35 -24.92 6.47
N GLU A 49 -4.16 -24.81 7.05
CA GLU A 49 -2.96 -25.27 6.42
C GLU A 49 -2.82 -26.79 6.54
N ASP A 50 -2.27 -27.42 5.52
CA ASP A 50 -1.92 -28.86 5.49
C ASP A 50 -0.41 -29.02 5.66
N LYS A 51 0.03 -29.99 6.47
CA LYS A 51 1.48 -30.26 6.68
C LYS A 51 2.27 -30.39 5.42
N ASN A 52 1.62 -30.91 4.40
CA ASN A 52 2.32 -31.12 3.15
C ASN A 52 2.32 -29.93 2.19
N ASP A 53 1.77 -28.79 2.62
CA ASP A 53 1.77 -27.58 1.83
C ASP A 53 3.12 -26.89 1.99
N GLU A 54 3.60 -26.36 0.89
CA GLU A 54 4.75 -25.48 0.89
C GLU A 54 4.31 -24.14 0.25
N TRP A 55 4.79 -23.02 0.78
CA TRP A 55 4.39 -21.77 0.23
C TRP A 55 5.55 -21.22 -0.57
N HIS A 56 5.28 -20.60 -1.71
CA HIS A 56 6.27 -19.83 -2.49
C HIS A 56 6.01 -18.29 -2.44
N ARG A 57 4.78 -17.87 -2.31
CA ARG A 57 4.43 -16.47 -2.17
C ARG A 57 3.29 -16.35 -1.22
N VAL A 58 3.37 -15.36 -0.32
CA VAL A 58 2.27 -15.03 0.56
C VAL A 58 2.10 -13.52 0.49
N GLU A 59 1.01 -13.07 -0.14
CA GLU A 59 0.72 -11.64 -0.27
C GLU A 59 -0.68 -11.23 0.15
N ARG A 60 -1.64 -12.14 0.23
CA ARG A 60 -3.01 -11.78 0.57
C ARG A 60 -3.20 -11.59 2.09
N SER A 61 -4.05 -10.67 2.44
CA SER A 61 -4.37 -10.36 3.81
C SER A 61 -5.57 -11.14 4.27
N SER A 62 -5.75 -11.17 5.59
CA SER A 62 -6.93 -11.79 6.19
C SER A 62 -7.25 -11.04 7.47
N GLY A 63 -8.24 -11.53 8.20
CA GLY A 63 -8.63 -10.94 9.49
C GLY A 63 -9.74 -9.88 9.32
N LYS A 64 -10.03 -9.24 10.42
CA LYS A 64 -11.16 -8.37 10.54
C LYS A 64 -11.04 -7.15 9.68
N PHE A 65 -12.16 -6.67 9.11
CA PHE A 65 -12.22 -5.37 8.47
C PHE A 65 -13.39 -4.53 9.09
N LEU A 66 -13.26 -3.23 9.00
CA LEU A 66 -14.26 -2.28 9.51
C LEU A 66 -14.10 -0.96 8.79
N ARG A 67 -15.19 -0.44 8.23
CA ARG A 67 -15.28 0.96 7.80
C ARG A 67 -16.57 1.57 8.21
N ARG A 68 -16.53 2.88 8.52
CA ARG A 68 -17.70 3.63 8.91
C ARG A 68 -17.80 4.95 8.13
N PHE A 69 -19.01 5.32 7.73
CA PHE A 69 -19.26 6.52 6.94
C PHE A 69 -20.39 7.31 7.57
N ARG A 70 -20.25 8.63 7.75
CA ARG A 70 -21.32 9.41 8.22
C ARG A 70 -22.07 9.91 6.98
N LEU A 71 -23.30 9.47 6.79
CA LEU A 71 -24.08 9.93 5.66
C LEU A 71 -24.66 11.34 5.99
N PRO A 72 -24.77 12.18 4.98
CA PRO A 72 -25.48 13.44 5.13
C PRO A 72 -26.98 13.32 5.35
N GLU A 73 -27.61 14.48 5.73
CA GLU A 73 -29.01 14.43 6.11
C GLU A 73 -30.01 13.98 5.05
N ASN A 74 -29.64 14.07 3.77
CA ASN A 74 -30.58 13.66 2.72
C ASN A 74 -30.77 12.14 2.58
N ALA A 75 -29.99 11.36 3.31
CA ALA A 75 -29.95 9.89 3.14
C ALA A 75 -31.05 9.25 3.93
N LYS A 76 -31.75 8.28 3.31
CA LYS A 76 -32.83 7.56 3.98
C LYS A 76 -32.26 6.33 4.58
N MET A 77 -31.78 6.44 5.81
CA MET A 77 -30.97 5.39 6.39
C MET A 77 -31.76 4.10 6.65
N ASP A 78 -33.07 4.18 6.74
CA ASP A 78 -33.89 2.99 6.99
C ASP A 78 -34.11 2.18 5.72
N LYS A 79 -33.61 2.68 4.59
CA LYS A 79 -33.84 2.06 3.29
C LYS A 79 -32.56 1.50 2.70
N VAL A 80 -31.56 1.28 3.51
CA VAL A 80 -30.28 0.76 3.04
CA VAL A 80 -30.28 0.75 3.04
C VAL A 80 -30.47 -0.63 2.41
N LYS A 81 -29.82 -0.86 1.27
CA LYS A 81 -29.84 -2.22 0.66
C LYS A 81 -28.41 -2.54 0.22
N ALA A 82 -28.11 -3.78 0.27
CA ALA A 82 -26.75 -4.25 -0.05
C ALA A 82 -26.84 -5.44 -0.96
N SER A 83 -25.89 -5.55 -1.84
CA SER A 83 -25.69 -6.76 -2.64
C SER A 83 -24.19 -6.96 -2.93
N MET A 84 -23.83 -8.18 -3.30
CA MET A 84 -22.46 -8.49 -3.54
C MET A 84 -22.29 -9.44 -4.71
N GLU A 85 -21.28 -9.19 -5.50
CA GLU A 85 -20.99 -9.99 -6.63
C GLU A 85 -19.54 -9.88 -6.95
N ASN A 86 -18.87 -11.02 -7.16
CA ASN A 86 -17.49 -11.06 -7.53
C ASN A 86 -16.51 -10.25 -6.65
N GLY A 87 -16.77 -10.38 -5.38
CA GLY A 87 -15.94 -9.73 -4.43
C GLY A 87 -16.17 -8.28 -4.18
N VAL A 88 -17.22 -7.69 -4.77
CA VAL A 88 -17.52 -6.26 -4.58
C VAL A 88 -18.84 -6.14 -3.91
N LEU A 89 -18.81 -5.49 -2.77
CA LEU A 89 -20.02 -5.13 -2.06
C LEU A 89 -20.55 -3.81 -2.53
N THR A 90 -21.82 -3.78 -2.92
CA THR A 90 -22.51 -2.51 -3.20
C THR A 90 -23.56 -2.21 -2.14
N VAL A 91 -23.47 -1.03 -1.50
CA VAL A 91 -24.44 -0.58 -0.52
C VAL A 91 -25.09 0.69 -1.09
N THR A 92 -26.39 0.68 -1.16
CA THR A 92 -27.16 1.77 -1.71
C THR A 92 -28.05 2.34 -0.62
N VAL A 93 -27.90 3.62 -0.41
CA VAL A 93 -28.71 4.36 0.57
C VAL A 93 -29.47 5.37 -0.21
N PRO A 94 -30.78 5.14 -0.40
CA PRO A 94 -31.62 6.06 -1.17
C PRO A 94 -31.69 7.45 -0.56
N LYS A 95 -31.86 8.47 -1.41
CA LYS A 95 -32.15 9.85 -0.98
C LYS A 95 -33.61 10.22 -1.15
N SER B 2 -0.84 -3.03 -7.12
CA SER B 2 -0.41 -4.43 -7.45
C SER B 2 -1.30 -5.55 -6.89
N THR B 3 -1.51 -6.57 -7.70
CA THR B 3 -2.39 -7.62 -7.37
C THR B 3 -1.75 -8.44 -6.32
N ARG B 4 -2.49 -8.83 -5.29
CA ARG B 4 -2.00 -9.74 -4.28
C ARG B 4 -2.21 -11.20 -4.69
N VAL B 5 -1.14 -11.98 -4.75
CA VAL B 5 -1.19 -13.36 -5.14
C VAL B 5 -0.46 -14.24 -4.17
N ASP B 6 -1.15 -15.29 -3.73
CA ASP B 6 -0.52 -16.35 -2.91
C ASP B 6 -0.21 -17.49 -3.86
N TRP B 7 0.90 -18.20 -3.60
CA TRP B 7 1.25 -19.37 -4.42
C TRP B 7 1.67 -20.46 -3.43
N LYS B 8 0.95 -21.57 -3.46
CA LYS B 8 1.15 -22.70 -2.59
C LYS B 8 1.48 -23.85 -3.48
N GLU B 9 2.29 -24.78 -3.00
CA GLU B 9 2.58 -26.00 -3.67
C GLU B 9 2.23 -27.20 -2.79
N THR B 10 1.29 -27.97 -3.27
CA THR B 10 0.84 -29.18 -2.55
C THR B 10 1.57 -30.36 -3.22
N PRO B 11 1.41 -31.58 -2.67
CA PRO B 11 1.92 -32.72 -3.38
C PRO B 11 1.31 -32.87 -4.77
N GLU B 12 0.06 -32.41 -4.97
CA GLU B 12 -0.65 -32.58 -6.21
C GLU B 12 -0.56 -31.42 -7.22
N ALA B 13 -0.30 -30.20 -6.77
CA ALA B 13 -0.41 -29.05 -7.64
C ALA B 13 0.26 -27.80 -7.11
N HIS B 14 0.53 -26.86 -8.03
CA HIS B 14 0.78 -25.49 -7.70
C HIS B 14 -0.57 -24.75 -7.74
N VAL B 15 -0.89 -24.05 -6.65
CA VAL B 15 -2.13 -23.35 -6.54
C VAL B 15 -1.90 -21.88 -6.28
N PHE B 16 -2.37 -21.03 -7.21
CA PHE B 16 -2.25 -19.61 -7.16
C PHE B 16 -3.62 -19.03 -6.84
N LYS B 17 -3.65 -18.03 -5.95
CA LYS B 17 -4.90 -17.33 -5.62
C LYS B 17 -4.63 -15.86 -5.69
N ALA B 18 -5.36 -15.18 -6.55
CA ALA B 18 -5.15 -13.77 -6.79
C ALA B 18 -6.45 -13.00 -6.42
N ASP B 19 -6.30 -11.90 -5.68
CA ASP B 19 -7.49 -11.08 -5.28
C ASP B 19 -7.74 -10.15 -6.42
N LEU B 20 -8.83 -10.37 -7.13
CA LEU B 20 -9.17 -9.58 -8.32
C LEU B 20 -10.65 -9.22 -8.26
N PRO B 21 -11.04 -8.46 -7.21
CA PRO B 21 -12.42 -8.12 -7.05
C PRO B 21 -12.92 -7.30 -8.24
N GLY B 22 -14.16 -7.62 -8.59
CA GLY B 22 -14.88 -6.89 -9.67
C GLY B 22 -14.64 -7.47 -11.05
N LEU B 23 -13.80 -8.49 -11.18
CA LEU B 23 -13.46 -9.07 -12.46
C LEU B 23 -14.24 -10.41 -12.68
N LYS B 24 -14.80 -10.59 -13.88
CA LYS B 24 -15.31 -11.88 -14.32
C LYS B 24 -14.16 -12.75 -14.93
N LYS B 25 -14.30 -14.06 -14.80
CA LYS B 25 -13.31 -15.00 -15.32
C LYS B 25 -12.91 -14.71 -16.76
N GLU B 26 -13.88 -14.29 -17.55
CA GLU B 26 -13.64 -13.99 -18.96
C GLU B 26 -12.81 -12.75 -19.17
N GLU B 27 -12.72 -11.87 -18.17
CA GLU B 27 -11.87 -10.67 -18.24
C GLU B 27 -10.43 -10.91 -17.79
N VAL B 28 -10.12 -12.08 -17.25
CA VAL B 28 -8.77 -12.34 -16.75
C VAL B 28 -8.08 -13.30 -17.73
N LYS B 29 -6.95 -12.88 -18.30
CA LYS B 29 -6.18 -13.72 -19.19
C LYS B 29 -5.17 -14.51 -18.37
N VAL B 30 -5.27 -15.82 -18.45
CA VAL B 30 -4.34 -16.74 -17.73
C VAL B 30 -3.63 -17.50 -18.83
N GLU B 31 -2.32 -17.30 -18.97
CA GLU B 31 -1.58 -17.85 -20.08
C GLU B 31 -0.28 -18.44 -19.65
N VAL B 32 0.15 -19.43 -20.40
CA VAL B 32 1.44 -20.03 -20.17
C VAL B 32 2.37 -19.58 -21.27
N GLU B 33 3.55 -19.07 -20.92
CA GLU B 33 4.52 -18.66 -21.92
C GLU B 33 5.75 -19.52 -21.85
N ASP B 34 6.62 -19.33 -22.82
CA ASP B 34 7.82 -20.11 -22.89
C ASP B 34 8.53 -20.07 -21.57
N ASP B 35 9.17 -21.18 -21.22
CA ASP B 35 10.04 -21.28 -20.07
C ASP B 35 9.25 -21.37 -18.78
N ARG B 36 8.06 -21.97 -18.88
CA ARG B 36 7.30 -22.35 -17.70
C ARG B 36 6.82 -21.12 -16.92
N VAL B 37 6.57 -20.06 -17.63
CA VAL B 37 6.04 -18.84 -17.01
C VAL B 37 4.50 -18.82 -17.05
N LEU B 38 3.91 -18.63 -15.90
CA LEU B 38 2.46 -18.38 -15.80
C LEU B 38 2.24 -16.90 -15.73
N GLN B 39 1.37 -16.40 -16.62
CA GLN B 39 1.05 -14.99 -16.64
C GLN B 39 -0.41 -14.77 -16.42
N ILE B 40 -0.71 -13.83 -15.54
CA ILE B 40 -2.07 -13.47 -15.25
C ILE B 40 -2.20 -11.98 -15.55
N SER B 41 -3.19 -11.59 -16.34
CA SER B 41 -3.33 -10.21 -16.70
C SER B 41 -4.76 -9.86 -17.11
N GLY B 42 -5.02 -8.56 -17.17
CA GLY B 42 -6.33 -8.10 -17.50
C GLY B 42 -6.54 -6.67 -17.12
N GLU B 43 -7.79 -6.24 -17.21
CA GLU B 43 -8.11 -4.85 -16.95
C GLU B 43 -9.44 -4.75 -16.31
N ARG B 44 -9.47 -4.06 -15.21
CA ARG B 44 -10.68 -3.83 -14.53
C ARG B 44 -11.30 -2.56 -15.12
N SER B 45 -12.51 -2.74 -15.62
CA SER B 45 -13.22 -1.67 -16.22
C SER B 45 -13.80 -0.76 -15.14
N VAL B 46 -14.06 0.46 -15.55
CA VAL B 46 -14.59 1.51 -14.70
C VAL B 46 -15.92 1.95 -15.26
N GLU B 47 -16.92 2.01 -14.42
CA GLU B 47 -18.26 2.50 -14.80
C GLU B 47 -18.17 3.85 -15.49
N LYS B 48 -18.99 4.04 -16.54
CA LYS B 48 -19.01 5.31 -17.28
C LYS B 48 -19.45 6.39 -16.27
N GLU B 49 -18.75 7.53 -16.29
CA GLU B 49 -19.00 8.60 -15.32
C GLU B 49 -20.24 9.33 -15.79
N ASP B 50 -21.07 9.74 -14.83
CA ASP B 50 -22.24 10.57 -15.10
C ASP B 50 -21.93 11.95 -14.54
N LYS B 51 -22.05 12.97 -15.38
CA LYS B 51 -21.83 14.37 -14.97
C LYS B 51 -22.65 14.75 -13.75
N ASN B 52 -23.82 14.13 -13.56
CA ASN B 52 -24.63 14.52 -12.41
C ASN B 52 -24.22 13.92 -11.08
N ASP B 53 -23.22 13.03 -11.08
CA ASP B 53 -22.80 12.38 -9.86
C ASP B 53 -21.77 13.22 -9.14
N GLU B 54 -21.73 13.07 -7.82
CA GLU B 54 -20.69 13.67 -7.00
C GLU B 54 -19.94 12.55 -6.28
N TRP B 55 -18.62 12.63 -6.25
CA TRP B 55 -17.84 11.58 -5.60
C TRP B 55 -17.48 12.07 -4.25
N HIS B 56 -17.67 11.22 -3.25
CA HIS B 56 -17.26 11.55 -1.90
C HIS B 56 -15.96 10.84 -1.51
N ARG B 57 -15.77 9.64 -2.01
CA ARG B 57 -14.54 8.87 -1.75
C ARG B 57 -14.17 8.09 -3.00
N VAL B 58 -12.90 8.16 -3.37
CA VAL B 58 -12.36 7.35 -4.47
C VAL B 58 -11.14 6.64 -3.92
N GLU B 59 -11.25 5.34 -3.76
CA GLU B 59 -10.14 4.50 -3.21
C GLU B 59 -9.86 3.22 -4.00
N ARG B 60 -10.78 2.76 -4.85
CA ARG B 60 -10.61 1.45 -5.48
C ARG B 60 -9.73 1.55 -6.72
N SER B 61 -8.92 0.54 -6.95
CA SER B 61 -8.03 0.53 -8.10
C SER B 61 -8.80 0.18 -9.34
N SER B 62 -8.25 0.58 -10.48
CA SER B 62 -8.74 0.19 -11.77
C SER B 62 -7.56 0.16 -12.74
N GLY B 63 -7.84 -0.23 -13.98
CA GLY B 63 -6.80 -0.30 -14.98
C GLY B 63 -6.17 -1.67 -15.08
N LYS B 64 -5.08 -1.70 -15.80
CA LYS B 64 -4.42 -2.92 -16.16
C LYS B 64 -3.72 -3.57 -14.96
N PHE B 65 -3.67 -4.88 -14.93
CA PHE B 65 -2.79 -5.63 -13.98
C PHE B 65 -2.05 -6.74 -14.70
N LEU B 66 -0.91 -7.15 -14.16
CA LEU B 66 -0.05 -8.16 -14.74
C LEU B 66 0.86 -8.74 -13.66
N ARG B 67 0.86 -10.04 -13.53
CA ARG B 67 1.80 -10.75 -12.72
C ARG B 67 2.31 -11.95 -13.48
N ARG B 68 3.58 -12.30 -13.27
N ARG B 68 3.58 -12.30 -13.27
CA ARG B 68 4.21 -13.42 -13.89
CA ARG B 68 4.22 -13.42 -13.90
C ARG B 68 4.93 -14.28 -12.84
C ARG B 68 4.95 -14.28 -12.84
N PHE B 69 4.88 -15.59 -13.01
CA PHE B 69 5.53 -16.56 -12.09
C PHE B 69 6.29 -17.66 -12.86
N ARG B 70 7.54 -17.95 -12.50
CA ARG B 70 8.27 -18.99 -13.17
C ARG B 70 8.08 -20.27 -12.40
N LEU B 71 7.39 -21.23 -12.97
CA LEU B 71 7.11 -22.46 -12.24
C LEU B 71 8.33 -23.41 -12.32
N PRO B 72 8.49 -24.24 -11.31
CA PRO B 72 9.58 -25.24 -11.33
C PRO B 72 9.25 -26.37 -12.30
N GLU B 73 10.24 -27.21 -12.54
CA GLU B 73 10.14 -28.25 -13.52
C GLU B 73 9.04 -29.27 -13.26
N ASN B 74 8.62 -29.44 -12.01
CA ASN B 74 7.59 -30.45 -11.72
C ASN B 74 6.17 -30.05 -12.15
N ALA B 75 5.98 -28.82 -12.58
CA ALA B 75 4.66 -28.37 -13.00
C ALA B 75 4.25 -28.85 -14.42
N LYS B 76 3.04 -29.35 -14.56
CA LYS B 76 2.55 -29.77 -15.88
C LYS B 76 1.79 -28.57 -16.46
N MET B 77 2.53 -27.73 -17.18
CA MET B 77 2.07 -26.43 -17.59
C MET B 77 0.90 -26.59 -18.58
N ASP B 78 0.88 -27.72 -19.30
CA ASP B 78 -0.19 -27.89 -20.33
C ASP B 78 -1.57 -28.24 -19.71
N LYS B 79 -1.61 -28.54 -18.43
CA LYS B 79 -2.84 -28.97 -17.78
C LYS B 79 -3.39 -27.84 -16.85
N VAL B 80 -2.93 -26.62 -17.04
CA VAL B 80 -3.41 -25.49 -16.24
C VAL B 80 -4.93 -25.39 -16.27
N LYS B 81 -5.55 -25.04 -15.12
CA LYS B 81 -6.93 -24.65 -15.10
C LYS B 81 -7.14 -23.42 -14.20
N ALA B 82 -8.23 -22.74 -14.46
CA ALA B 82 -8.48 -21.50 -13.66
C ALA B 82 -9.96 -21.40 -13.42
N SER B 83 -10.32 -20.76 -12.31
CA SER B 83 -11.65 -20.49 -11.98
C SER B 83 -11.66 -19.23 -11.12
N MET B 84 -12.84 -18.62 -11.08
CA MET B 84 -12.98 -17.46 -10.26
C MET B 84 -14.26 -17.55 -9.45
N GLU B 85 -14.17 -17.10 -8.19
CA GLU B 85 -15.29 -17.10 -7.34
C GLU B 85 -15.07 -15.99 -6.27
N ASN B 86 -16.10 -15.22 -6.02
CA ASN B 86 -16.05 -14.20 -4.92
C ASN B 86 -14.92 -13.20 -5.08
N GLY B 87 -14.54 -12.91 -6.32
CA GLY B 87 -13.39 -12.03 -6.63
C GLY B 87 -12.02 -12.56 -6.42
N VAL B 88 -11.90 -13.90 -6.28
CA VAL B 88 -10.63 -14.60 -6.17
C VAL B 88 -10.46 -15.48 -7.42
N LEU B 89 -9.35 -15.30 -8.08
CA LEU B 89 -8.91 -16.20 -9.15
C LEU B 89 -8.04 -17.32 -8.57
N THR B 90 -8.43 -18.58 -8.83
CA THR B 90 -7.60 -19.71 -8.46
C THR B 90 -7.07 -20.31 -9.76
N VAL B 91 -5.74 -20.41 -9.84
CA VAL B 91 -5.09 -21.07 -10.96
C VAL B 91 -4.43 -22.29 -10.39
N THR B 92 -4.65 -23.45 -11.03
CA THR B 92 -4.12 -24.69 -10.58
C THR B 92 -3.28 -25.24 -11.68
N VAL B 93 -2.02 -25.57 -11.34
CA VAL B 93 -1.09 -26.21 -12.26
C VAL B 93 -0.74 -27.54 -11.66
N PRO B 94 -1.27 -28.64 -12.20
CA PRO B 94 -0.99 -29.96 -11.65
C PRO B 94 0.47 -30.34 -11.71
N LYS B 95 0.90 -31.16 -10.77
CA LYS B 95 2.24 -31.80 -10.78
C LYS B 95 2.22 -33.26 -11.22
N SER C 2 -4.61 5.55 -3.43
CA SER C 2 -4.95 6.91 -2.87
C SER C 2 -3.76 7.90 -2.85
N THR C 3 -4.05 9.12 -3.21
CA THR C 3 -3.05 10.15 -3.39
C THR C 3 -2.42 10.47 -2.05
N ARG C 4 -1.08 10.55 -2.02
CA ARG C 4 -0.36 10.96 -0.77
C ARG C 4 -0.30 12.44 -0.68
N VAL C 5 -0.84 12.99 0.41
CA VAL C 5 -0.87 14.39 0.62
C VAL C 5 -0.32 14.76 2.00
N ASP C 6 0.58 15.74 2.02
CA ASP C 6 1.03 16.35 3.27
C ASP C 6 0.27 17.65 3.48
N TRP C 7 0.00 18.00 4.70
CA TRP C 7 -0.63 19.24 5.06
C TRP C 7 0.08 19.82 6.24
N LYS C 8 0.66 21.00 6.04
CA LYS C 8 1.39 21.75 7.03
C LYS C 8 0.68 23.09 7.24
N GLU C 9 0.72 23.63 8.45
CA GLU C 9 0.17 24.95 8.72
C GLU C 9 1.32 25.78 9.27
N THR C 10 1.66 26.81 8.51
CA THR C 10 2.63 27.77 8.92
C THR C 10 1.87 28.93 9.56
N PRO C 11 2.62 29.91 10.10
CA PRO C 11 1.91 31.08 10.62
C PRO C 11 1.17 31.85 9.51
N GLU C 12 1.63 31.73 8.27
CA GLU C 12 1.05 32.48 7.13
C GLU C 12 -0.02 31.72 6.32
N ALA C 13 0.03 30.39 6.35
CA ALA C 13 -0.79 29.56 5.39
C ALA C 13 -0.92 28.13 5.71
N HIS C 14 -1.97 27.50 5.13
CA HIS C 14 -2.08 26.08 5.08
C HIS C 14 -1.45 25.66 3.77
N VAL C 15 -0.51 24.70 3.84
CA VAL C 15 0.22 24.31 2.64
C VAL C 15 0.09 22.81 2.44
N PHE C 16 -0.53 22.42 1.33
CA PHE C 16 -0.76 21.02 0.96
C PHE C 16 0.17 20.66 -0.20
N LYS C 17 0.77 19.47 -0.10
CA LYS C 17 1.64 18.95 -1.13
C LYS C 17 1.13 17.57 -1.47
N ALA C 18 0.75 17.37 -2.71
CA ALA C 18 0.19 16.11 -3.20
C ALA C 18 1.11 15.54 -4.24
N ASP C 19 1.44 14.26 -4.10
CA ASP C 19 2.25 13.58 -5.13
C ASP C 19 1.32 13.08 -6.26
N LEU C 20 1.44 13.72 -7.42
CA LEU C 20 0.60 13.44 -8.57
C LEU C 20 1.46 13.35 -9.80
N PRO C 21 2.41 12.40 -9.80
CA PRO C 21 3.19 12.25 -11.01
C PRO C 21 2.36 12.01 -12.26
N GLY C 22 2.86 12.57 -13.35
CA GLY C 22 2.31 12.33 -14.73
C GLY C 22 1.14 13.23 -15.05
N LEU C 23 0.71 14.03 -14.10
CA LEU C 23 -0.38 14.96 -14.29
C LEU C 23 0.19 16.38 -14.62
N LYS C 24 -0.46 17.07 -15.57
CA LYS C 24 -0.28 18.53 -15.78
C LYS C 24 -1.21 19.32 -14.86
N LYS C 25 -0.79 20.55 -14.48
CA LYS C 25 -1.65 21.42 -13.66
C LYS C 25 -3.10 21.54 -14.18
N GLU C 26 -3.26 21.59 -15.50
CA GLU C 26 -4.59 21.73 -16.14
C GLU C 26 -5.50 20.51 -15.92
N GLU C 27 -4.90 19.36 -15.65
CA GLU C 27 -5.65 18.10 -15.38
C GLU C 27 -6.00 17.91 -13.88
N VAL C 28 -5.50 18.73 -12.99
CA VAL C 28 -5.83 18.62 -11.60
C VAL C 28 -6.85 19.71 -11.26
N LYS C 29 -8.00 19.31 -10.76
CA LYS C 29 -8.97 20.30 -10.29
C LYS C 29 -8.76 20.59 -8.79
N VAL C 30 -8.61 21.86 -8.47
CA VAL C 30 -8.48 22.28 -7.06
C VAL C 30 -9.63 23.23 -6.76
N GLU C 31 -10.48 22.90 -5.82
CA GLU C 31 -11.72 23.68 -5.67
C GLU C 31 -12.14 23.68 -4.21
N VAL C 32 -12.90 24.68 -3.89
CA VAL C 32 -13.39 24.89 -2.59
C VAL C 32 -14.87 24.64 -2.61
N GLU C 33 -15.37 23.89 -1.63
CA GLU C 33 -16.81 23.65 -1.53
C GLU C 33 -17.33 24.22 -0.24
N ASP C 34 -18.64 24.24 -0.13
CA ASP C 34 -19.28 24.78 1.07
C ASP C 34 -18.69 24.09 2.28
N ASP C 35 -18.61 24.85 3.35
CA ASP C 35 -18.18 24.30 4.63
C ASP C 35 -16.65 24.14 4.71
N ARG C 36 -15.93 25.01 3.98
CA ARG C 36 -14.49 25.14 4.12
CA ARG C 36 -14.48 25.15 4.14
C ARG C 36 -13.79 23.86 3.73
N VAL C 37 -14.33 23.21 2.70
CA VAL C 37 -13.71 21.98 2.20
C VAL C 37 -12.86 22.28 0.97
N LEU C 38 -11.62 21.87 1.04
CA LEU C 38 -10.72 21.91 -0.10
C LEU C 38 -10.79 20.52 -0.75
N GLN C 39 -11.02 20.52 -2.02
CA GLN C 39 -11.06 19.28 -2.81
C GLN C 39 -10.03 19.30 -3.89
N ILE C 40 -9.25 18.21 -3.98
CA ILE C 40 -8.27 18.06 -5.06
C ILE C 40 -8.69 16.78 -5.83
N SER C 41 -8.86 16.89 -7.13
CA SER C 41 -9.31 15.73 -7.91
C SER C 41 -8.85 15.79 -9.34
N GLY C 42 -9.03 14.66 -10.05
CA GLY C 42 -8.70 14.60 -11.44
C GLY C 42 -8.60 13.17 -11.93
N GLU C 43 -7.97 13.01 -13.07
CA GLU C 43 -7.81 11.70 -13.65
C GLU C 43 -6.54 11.61 -14.43
N ARG C 44 -5.78 10.58 -14.12
CA ARG C 44 -4.56 10.36 -14.80
C ARG C 44 -4.86 9.51 -16.02
N SER C 45 -4.52 10.03 -17.17
CA SER C 45 -4.78 9.38 -18.41
C SER C 45 -3.71 8.33 -18.65
N VAL C 46 -4.06 7.39 -19.50
CA VAL C 46 -3.18 6.29 -19.84
C VAL C 46 -2.93 6.37 -21.34
N GLU C 47 -1.66 6.29 -21.74
CA GLU C 47 -1.27 6.21 -23.17
C GLU C 47 -2.05 5.09 -23.89
N LYS C 48 -2.53 5.38 -25.10
CA LYS C 48 -3.27 4.38 -25.89
C LYS C 48 -2.32 3.22 -26.12
N GLU C 49 -2.82 1.99 -25.92
CA GLU C 49 -1.98 0.80 -26.04
C GLU C 49 -1.77 0.51 -27.53
N ASP C 50 -0.56 0.09 -27.88
CA ASP C 50 -0.17 -0.22 -29.22
C ASP C 50 -0.10 -1.74 -29.28
N LYS C 51 -0.75 -2.32 -30.28
CA LYS C 51 -0.76 -3.77 -30.50
C LYS C 51 0.64 -4.35 -30.58
N ASN C 52 1.62 -3.58 -31.07
CA ASN C 52 2.96 -4.13 -31.22
C ASN C 52 3.76 -4.17 -29.93
N ASP C 53 3.23 -3.60 -28.83
CA ASP C 53 3.95 -3.56 -27.56
C ASP C 53 3.72 -4.79 -26.74
N GLU C 54 4.72 -5.16 -25.96
CA GLU C 54 4.57 -6.20 -24.96
C GLU C 54 4.88 -5.58 -23.59
N TRP C 55 4.08 -5.92 -22.58
CA TRP C 55 4.28 -5.36 -21.23
C TRP C 55 4.96 -6.39 -20.36
N HIS C 56 6.00 -5.93 -19.64
CA HIS C 56 6.75 -6.79 -18.72
C HIS C 56 6.47 -6.45 -17.27
N ARG C 57 6.15 -5.20 -16.97
CA ARG C 57 5.74 -4.81 -15.61
C ARG C 57 4.66 -3.77 -15.72
N VAL C 58 3.61 -3.93 -14.94
CA VAL C 58 2.56 -2.97 -14.84
C VAL C 58 2.32 -2.67 -13.37
N GLU C 59 2.68 -1.44 -12.95
CA GLU C 59 2.64 -1.07 -11.56
C GLU C 59 2.05 0.33 -11.30
N ARG C 60 2.12 1.24 -12.27
CA ARG C 60 1.73 2.62 -12.03
C ARG C 60 0.20 2.80 -12.02
N SER C 61 -0.26 3.64 -11.11
CA SER C 61 -1.69 3.83 -10.95
C SER C 61 -2.19 4.71 -12.06
N SER C 62 -3.47 4.62 -12.31
CA SER C 62 -4.15 5.48 -13.24
C SER C 62 -5.58 5.64 -12.77
N GLY C 63 -6.35 6.44 -13.49
CA GLY C 63 -7.74 6.64 -13.18
C GLY C 63 -7.96 7.82 -12.29
N LYS C 64 -9.16 7.87 -11.77
CA LYS C 64 -9.61 9.00 -10.98
C LYS C 64 -8.91 9.08 -9.63
N PHE C 65 -8.69 10.28 -9.13
CA PHE C 65 -8.25 10.47 -7.72
C PHE C 65 -9.06 11.60 -7.10
N LEU C 66 -9.19 11.55 -5.79
CA LEU C 66 -10.01 12.56 -5.02
C LEU C 66 -9.55 12.59 -3.58
N ARG C 67 -9.21 13.79 -3.08
CA ARG C 67 -9.02 13.98 -1.66
C ARG C 67 -9.77 15.22 -1.23
N ARG C 68 -10.28 15.20 -0.01
CA ARG C 68 -10.98 16.36 0.58
CA ARG C 68 -10.97 16.36 0.58
C ARG C 68 -10.41 16.64 1.95
N PHE C 69 -10.26 17.92 2.29
CA PHE C 69 -9.80 18.37 3.59
C PHE C 69 -10.72 19.44 4.13
N ARG C 70 -11.09 19.37 5.40
CA ARG C 70 -11.88 20.42 5.99
C ARG C 70 -10.93 21.41 6.68
N LEU C 71 -10.89 22.65 6.22
CA LEU C 71 -9.95 23.61 6.78
C LEU C 71 -10.56 24.28 8.01
N PRO C 72 -9.72 24.72 8.95
CA PRO C 72 -10.17 25.43 10.13
C PRO C 72 -10.60 26.87 9.78
N GLU C 73 -11.20 27.56 10.76
CA GLU C 73 -11.76 28.87 10.52
C GLU C 73 -10.77 29.95 10.16
N ASN C 74 -9.51 29.79 10.51
CA ASN C 74 -8.49 30.77 10.12
C ASN C 74 -8.14 30.83 8.61
N ALA C 75 -8.62 29.87 7.81
CA ALA C 75 -8.22 29.80 6.45
C ALA C 75 -9.03 30.72 5.57
N LYS C 76 -8.37 31.40 4.64
CA LYS C 76 -9.08 32.28 3.72
C LYS C 76 -9.34 31.51 2.45
N MET C 77 -10.48 30.83 2.42
CA MET C 77 -10.76 29.84 1.39
C MET C 77 -10.90 30.45 0.01
N ASP C 78 -11.20 31.75 -0.08
CA ASP C 78 -11.34 32.32 -1.40
C ASP C 78 -10.02 32.69 -2.02
N LYS C 79 -8.95 32.52 -1.25
CA LYS C 79 -7.62 32.90 -1.73
C LYS C 79 -6.73 31.71 -1.98
N VAL C 80 -7.33 30.56 -2.23
CA VAL C 80 -6.51 29.34 -2.58
C VAL C 80 -5.71 29.50 -3.86
N LYS C 81 -4.48 29.04 -3.85
CA LYS C 81 -3.63 29.05 -5.02
C LYS C 81 -2.94 27.72 -5.17
N ALA C 82 -2.62 27.36 -6.41
CA ALA C 82 -2.05 26.06 -6.67
C ALA C 82 -1.00 26.15 -7.74
N SER C 83 0.03 25.32 -7.64
CA SER C 83 1.04 25.19 -8.68
C SER C 83 1.56 23.74 -8.72
N MET C 84 2.18 23.38 -9.82
CA MET C 84 2.79 22.05 -9.93
C MET C 84 4.17 22.12 -10.46
N GLU C 85 5.03 21.26 -9.93
CA GLU C 85 6.38 21.10 -10.49
C GLU C 85 6.91 19.74 -10.06
N ASN C 86 7.58 19.05 -10.98
CA ASN C 86 8.14 17.75 -10.73
C ASN C 86 7.11 16.74 -10.20
N GLY C 87 5.86 16.84 -10.66
CA GLY C 87 4.81 15.90 -10.30
C GLY C 87 4.24 16.14 -8.91
N VAL C 88 4.55 17.28 -8.29
CA VAL C 88 4.04 17.62 -6.98
C VAL C 88 3.13 18.84 -7.10
N LEU C 89 1.89 18.68 -6.65
CA LEU C 89 0.94 19.80 -6.57
C LEU C 89 1.08 20.47 -5.22
N THR C 90 1.30 21.79 -5.22
CA THR C 90 1.32 22.58 -3.96
C THR C 90 0.10 23.45 -3.94
N VAL C 91 -0.74 23.31 -2.89
CA VAL C 91 -1.96 24.15 -2.72
C VAL C 91 -1.73 24.94 -1.46
N THR C 92 -1.87 26.25 -1.57
CA THR C 92 -1.69 27.13 -0.50
C THR C 92 -2.99 27.82 -0.20
N VAL C 93 -3.39 27.76 1.07
CA VAL C 93 -4.60 28.51 1.52
C VAL C 93 -4.11 29.48 2.58
N PRO C 94 -4.06 30.76 2.26
CA PRO C 94 -3.57 31.78 3.19
C PRO C 94 -4.41 31.87 4.45
N LYS C 95 -3.80 32.33 5.53
CA LYS C 95 -4.49 32.67 6.78
C LYS C 95 -4.61 34.17 7.00
N SER D 2 7.98 1.50 -2.12
CA SER D 2 8.66 1.01 -3.37
C SER D 2 8.18 1.71 -4.66
N THR D 3 9.13 2.03 -5.49
CA THR D 3 8.85 2.84 -6.62
C THR D 3 7.98 2.08 -7.58
N ARG D 4 6.96 2.71 -8.14
CA ARG D 4 6.17 2.04 -9.19
C ARG D 4 6.80 2.24 -10.53
N VAL D 5 7.05 1.14 -11.25
CA VAL D 5 7.68 1.18 -12.53
C VAL D 5 6.90 0.32 -13.53
N ASP D 6 6.57 0.92 -14.67
CA ASP D 6 6.05 0.16 -15.79
C ASP D 6 7.21 -0.14 -16.73
N TRP D 7 7.18 -1.31 -17.35
CA TRP D 7 8.22 -1.70 -18.33
C TRP D 7 7.50 -2.27 -19.54
N LYS D 8 7.70 -1.62 -20.67
CA LYS D 8 7.07 -1.94 -21.96
C LYS D 8 8.19 -2.22 -22.92
N GLU D 9 7.99 -3.20 -23.80
CA GLU D 9 8.95 -3.50 -24.85
C GLU D 9 8.23 -3.28 -26.18
N THR D 10 8.74 -2.31 -26.94
CA THR D 10 8.23 -2.03 -28.27
C THR D 10 9.15 -2.77 -29.24
N PRO D 11 8.80 -2.75 -30.52
CA PRO D 11 9.77 -3.30 -31.47
C PRO D 11 11.13 -2.56 -31.44
N GLU D 12 11.14 -1.27 -31.06
CA GLU D 12 12.35 -0.44 -31.11
C GLU D 12 13.13 -0.36 -29.79
N ALA D 13 12.48 -0.57 -28.67
CA ALA D 13 13.13 -0.29 -27.36
C ALA D 13 12.41 -0.89 -26.18
N HIS D 14 13.16 -0.97 -25.08
CA HIS D 14 12.60 -1.18 -23.78
C HIS D 14 12.37 0.20 -23.18
N VAL D 15 11.15 0.44 -22.71
CA VAL D 15 10.78 1.71 -22.11
C VAL D 15 10.29 1.50 -20.69
N PHE D 16 10.98 2.16 -19.75
CA PHE D 16 10.66 2.11 -18.35
C PHE D 16 10.12 3.45 -17.95
N LYS D 17 9.03 3.45 -17.18
CA LYS D 17 8.49 4.69 -16.64
C LYS D 17 8.32 4.49 -15.14
N ALA D 18 9.01 5.34 -14.38
CA ALA D 18 9.01 5.28 -12.93
C ALA D 18 8.36 6.54 -12.37
N ASP D 19 7.42 6.35 -11.45
CA ASP D 19 6.81 7.51 -10.80
C ASP D 19 7.73 7.91 -9.65
N LEU D 20 8.33 9.09 -9.79
CA LEU D 20 9.27 9.64 -8.83
C LEU D 20 8.97 11.13 -8.64
N PRO D 21 7.80 11.41 -8.06
CA PRO D 21 7.45 12.80 -7.79
C PRO D 21 8.45 13.42 -6.83
N GLY D 22 8.78 14.66 -7.13
CA GLY D 22 9.58 15.51 -6.22
C GLY D 22 11.06 15.38 -6.47
N LEU D 23 11.45 14.52 -7.41
CA LEU D 23 12.84 14.35 -7.77
C LEU D 23 13.15 15.14 -9.05
N LYS D 24 14.33 15.76 -9.08
CA LYS D 24 14.93 16.27 -10.33
C LYS D 24 15.80 15.21 -11.03
N LYS D 25 15.91 15.27 -12.36
CA LYS D 25 16.70 14.29 -13.14
C LYS D 25 18.10 14.09 -12.57
N GLU D 26 18.69 15.17 -12.08
CA GLU D 26 20.05 15.09 -11.52
C GLU D 26 20.13 14.31 -10.21
N GLU D 27 19.02 14.17 -9.50
CA GLU D 27 18.96 13.36 -8.24
C GLU D 27 18.71 11.84 -8.47
N VAL D 28 18.40 11.44 -9.71
CA VAL D 28 18.05 10.04 -9.97
C VAL D 28 19.26 9.43 -10.69
N LYS D 29 19.83 8.38 -10.10
CA LYS D 29 20.96 7.68 -10.74
C LYS D 29 20.40 6.53 -11.59
N VAL D 30 20.72 6.56 -12.88
CA VAL D 30 20.33 5.51 -13.81
C VAL D 30 21.64 4.89 -14.28
N GLU D 31 21.84 3.61 -14.01
CA GLU D 31 23.09 2.97 -14.24
C GLU D 31 22.93 1.59 -14.82
N VAL D 32 23.93 1.16 -15.59
CA VAL D 32 23.95 -0.20 -16.12
C VAL D 32 25.05 -0.98 -15.41
N GLU D 33 24.75 -2.18 -14.96
CA GLU D 33 25.75 -2.99 -14.28
C GLU D 33 25.96 -4.29 -15.04
N ASP D 34 26.99 -5.02 -14.67
CA ASP D 34 27.33 -6.24 -15.35
C ASP D 34 26.11 -7.14 -15.44
N ASP D 35 26.03 -7.88 -16.55
CA ASP D 35 24.99 -8.89 -16.80
C ASP D 35 23.66 -8.21 -17.17
N ARG D 36 23.74 -7.07 -17.85
CA ARG D 36 22.58 -6.44 -18.47
C ARG D 36 21.55 -5.96 -17.43
N VAL D 37 22.03 -5.49 -16.29
CA VAL D 37 21.14 -4.99 -15.24
C VAL D 37 21.03 -3.49 -15.31
N LEU D 38 19.79 -3.01 -15.35
CA LEU D 38 19.48 -1.58 -15.26
C LEU D 38 19.12 -1.31 -13.81
N GLN D 39 19.81 -0.32 -13.22
CA GLN D 39 19.49 0.11 -11.86
C GLN D 39 19.04 1.57 -11.81
N ILE D 40 17.94 1.83 -11.11
CA ILE D 40 17.44 3.17 -10.91
C ILE D 40 17.46 3.38 -9.40
N SER D 41 18.06 4.47 -8.95
CA SER D 41 18.16 4.72 -7.53
C SER D 41 18.36 6.16 -7.22
N GLY D 42 18.17 6.48 -5.96
CA GLY D 42 18.36 7.83 -5.54
C GLY D 42 17.71 8.00 -4.20
N GLU D 43 17.54 9.27 -3.86
CA GLU D 43 17.02 9.60 -2.59
C GLU D 43 16.24 10.86 -2.70
N ARG D 44 15.02 10.77 -2.21
CA ARG D 44 14.19 11.91 -2.17
C ARG D 44 14.47 12.66 -0.88
N SER D 45 14.86 13.92 -1.05
CA SER D 45 15.21 14.77 0.07
C SER D 45 13.94 15.36 0.67
N VAL D 46 14.04 15.81 1.92
CA VAL D 46 12.94 16.36 2.66
C VAL D 46 13.33 17.76 3.08
N GLU D 47 12.44 18.71 2.81
CA GLU D 47 12.67 20.10 3.24
C GLU D 47 12.95 20.20 4.74
N LYS D 48 13.87 21.10 5.14
CA LYS D 48 14.19 21.32 6.54
C LYS D 48 12.93 21.82 7.22
N GLU D 49 12.67 21.30 8.40
CA GLU D 49 11.46 21.65 9.12
C GLU D 49 11.67 23.03 9.73
N ASP D 50 10.59 23.79 9.80
CA ASP D 50 10.58 25.02 10.54
C ASP D 50 9.84 24.68 11.82
N LYS D 51 10.47 24.97 12.95
CA LYS D 51 9.84 24.80 14.24
C LYS D 51 8.46 25.46 14.33
N ASN D 52 8.22 26.51 13.59
CA ASN D 52 6.95 27.22 13.77
C ASN D 52 5.82 26.58 13.00
N ASP D 53 6.12 25.55 12.21
CA ASP D 53 5.08 24.88 11.44
C ASP D 53 4.37 23.82 12.27
N GLU D 54 3.12 23.60 12.00
CA GLU D 54 2.38 22.49 12.60
C GLU D 54 1.96 21.54 11.47
N TRP D 55 2.05 20.23 11.68
CA TRP D 55 1.70 19.31 10.64
C TRP D 55 0.36 18.75 10.95
N HIS D 56 -0.48 18.65 9.93
CA HIS D 56 -1.81 18.08 10.07
C HIS D 56 -1.95 16.74 9.36
N ARG D 57 -1.22 16.54 8.28
CA ARG D 57 -1.20 15.27 7.56
C ARG D 57 0.22 15.01 7.10
N VAL D 58 0.72 13.77 7.32
CA VAL D 58 2.01 13.37 6.85
C VAL D 58 1.81 12.06 6.14
N GLU D 59 1.91 12.06 4.81
CA GLU D 59 1.66 10.84 4.02
C GLU D 59 2.71 10.55 2.99
N ARG D 60 3.42 11.59 2.53
CA ARG D 60 4.34 11.34 1.41
C ARG D 60 5.60 10.58 1.83
N SER D 61 6.11 9.76 0.96
CA SER D 61 7.33 9.01 1.26
C SER D 61 8.55 9.88 1.05
N SER D 62 9.66 9.47 1.63
CA SER D 62 10.96 10.04 1.39
C SER D 62 12.02 8.97 1.59
N GLY D 63 13.27 9.32 1.41
CA GLY D 63 14.37 8.39 1.62
C GLY D 63 14.77 7.67 0.34
N LYS D 64 15.60 6.66 0.51
CA LYS D 64 16.22 5.96 -0.59
C LYS D 64 15.24 5.15 -1.39
N PHE D 65 15.46 5.06 -2.68
CA PHE D 65 14.73 4.11 -3.52
C PHE D 65 15.69 3.40 -4.38
N LEU D 66 15.30 2.19 -4.80
CA LEU D 66 16.14 1.36 -5.64
C LEU D 66 15.28 0.36 -6.35
N ARG D 67 15.46 0.26 -7.65
CA ARG D 67 14.88 -0.86 -8.44
C ARG D 67 15.92 -1.33 -9.43
N ARG D 68 15.92 -2.64 -9.68
CA ARG D 68 16.83 -3.27 -10.64
CA ARG D 68 16.83 -3.27 -10.64
C ARG D 68 16.04 -4.14 -11.60
N PHE D 69 16.46 -4.14 -12.87
CA PHE D 69 15.80 -4.97 -13.92
C PHE D 69 16.86 -5.64 -14.75
N ARG D 70 16.66 -6.91 -15.03
CA ARG D 70 17.58 -7.64 -15.85
C ARG D 70 17.02 -7.58 -17.26
N LEU D 71 17.70 -6.93 -18.17
CA LEU D 71 17.20 -6.83 -19.53
C LEU D 71 17.57 -8.05 -20.35
N PRO D 72 16.75 -8.40 -21.38
CA PRO D 72 17.06 -9.53 -22.28
C PRO D 72 18.15 -9.17 -23.24
N GLU D 73 18.65 -10.19 -23.96
CA GLU D 73 19.82 -10.07 -24.81
C GLU D 73 19.62 -9.05 -25.92
N ASN D 74 18.38 -8.80 -26.34
CA ASN D 74 18.16 -7.84 -27.44
C ASN D 74 18.42 -6.36 -27.09
N ALA D 75 18.66 -6.06 -25.83
CA ALA D 75 18.80 -4.68 -25.42
C ALA D 75 20.21 -4.16 -25.65
N LYS D 76 20.32 -2.91 -26.12
CA LYS D 76 21.64 -2.29 -26.31
C LYS D 76 21.96 -1.43 -25.09
N MET D 77 22.61 -2.04 -24.12
CA MET D 77 22.76 -1.46 -22.80
C MET D 77 23.62 -0.22 -22.82
N ASP D 78 24.50 -0.11 -23.81
CA ASP D 78 25.39 1.05 -23.89
C ASP D 78 24.69 2.29 -24.45
N LYS D 79 23.44 2.15 -24.89
CA LYS D 79 22.71 3.25 -25.50
C LYS D 79 21.57 3.76 -24.63
N VAL D 80 21.61 3.46 -23.35
CA VAL D 80 20.53 3.86 -22.43
C VAL D 80 20.38 5.37 -22.45
N LYS D 81 19.15 5.87 -22.49
CA LYS D 81 18.92 7.30 -22.24
C LYS D 81 17.80 7.47 -21.21
N ALA D 82 17.79 8.63 -20.56
CA ALA D 82 16.80 8.91 -19.50
C ALA D 82 16.39 10.36 -19.55
N SER D 83 15.13 10.59 -19.22
CA SER D 83 14.61 11.95 -19.08
C SER D 83 13.53 11.96 -18.03
N MET D 84 13.23 13.16 -17.54
CA MET D 84 12.25 13.27 -16.53
C MET D 84 11.34 14.43 -16.82
N GLU D 85 10.04 14.22 -16.62
CA GLU D 85 9.03 15.26 -16.83
C GLU D 85 7.83 14.99 -15.95
N ASN D 86 7.31 16.02 -15.26
CA ASN D 86 6.11 15.86 -14.44
C ASN D 86 6.23 14.76 -13.40
N GLY D 87 7.42 14.59 -12.84
CA GLY D 87 7.71 13.56 -11.80
C GLY D 87 7.82 12.13 -12.31
N VAL D 88 7.92 11.95 -13.62
CA VAL D 88 8.01 10.63 -14.24
C VAL D 88 9.35 10.49 -14.93
N LEU D 89 10.09 9.44 -14.56
CA LEU D 89 11.38 9.14 -15.21
C LEU D 89 11.12 8.13 -16.32
N THR D 90 11.57 8.47 -17.53
CA THR D 90 11.48 7.55 -18.64
C THR D 90 12.91 7.10 -18.98
N VAL D 91 13.14 5.79 -18.96
CA VAL D 91 14.43 5.21 -19.32
C VAL D 91 14.18 4.38 -20.55
N THR D 92 14.94 4.66 -21.60
CA THR D 92 14.78 3.98 -22.85
C THR D 92 16.07 3.23 -23.13
N VAL D 93 15.94 1.94 -23.37
CA VAL D 93 17.07 1.10 -23.74
C VAL D 93 16.77 0.55 -25.14
N PRO D 94 17.43 1.10 -26.17
CA PRO D 94 17.15 0.71 -27.53
C PRO D 94 17.41 -0.78 -27.76
N LYS D 95 16.68 -1.37 -28.72
CA LYS D 95 16.97 -2.73 -29.27
C LYS D 95 17.61 -2.58 -30.64
N SER E 2 2.33 -8.09 2.32
CA SER E 2 3.75 -8.59 2.15
C SER E 2 4.81 -7.84 3.01
N THR E 3 5.68 -8.61 3.62
CA THR E 3 6.62 -8.08 4.53
C THR E 3 7.61 -7.15 3.84
N ARG E 4 7.88 -5.99 4.42
CA ARG E 4 8.88 -5.08 3.86
C ARG E 4 10.26 -5.50 4.32
N VAL E 5 11.17 -5.71 3.37
CA VAL E 5 12.54 -6.20 3.74
C VAL E 5 13.55 -5.39 2.94
N ASP E 6 14.58 -4.89 3.66
CA ASP E 6 15.75 -4.30 3.06
C ASP E 6 16.83 -5.39 3.03
N TRP E 7 17.61 -5.41 1.97
CA TRP E 7 18.78 -6.32 1.87
C TRP E 7 19.97 -5.51 1.38
N LYS E 8 21.01 -5.49 2.20
CA LYS E 8 22.23 -4.76 2.00
C LYS E 8 23.34 -5.77 1.98
N GLU E 9 24.35 -5.56 1.15
CA GLU E 9 25.53 -6.39 1.13
C GLU E 9 26.76 -5.54 1.45
N THR E 10 27.44 -5.89 2.54
CA THR E 10 28.63 -5.18 2.98
C THR E 10 29.78 -6.03 2.53
N PRO E 11 31.02 -5.54 2.71
CA PRO E 11 32.14 -6.42 2.45
C PRO E 11 32.12 -7.68 3.32
N GLU E 12 31.52 -7.61 4.51
CA GLU E 12 31.57 -8.71 5.49
C GLU E 12 30.34 -9.63 5.46
N ALA E 13 29.19 -9.14 4.99
CA ALA E 13 27.94 -9.88 5.15
C ALA E 13 26.80 -9.39 4.30
N HIS E 14 25.81 -10.27 4.13
CA HIS E 14 24.47 -9.88 3.65
C HIS E 14 23.61 -9.62 4.88
N VAL E 15 22.97 -8.46 4.89
CA VAL E 15 22.16 -8.04 6.05
C VAL E 15 20.74 -7.73 5.61
N PHE E 16 19.78 -8.48 6.17
CA PHE E 16 18.37 -8.33 5.88
C PHE E 16 17.71 -7.74 7.11
N LYS E 17 16.87 -6.74 6.88
CA LYS E 17 16.07 -6.18 7.92
C LYS E 17 14.60 -6.24 7.45
N ALA E 18 13.78 -6.92 8.24
CA ALA E 18 12.37 -7.10 7.95
C ALA E 18 11.56 -6.44 9.02
N ASP E 19 10.60 -5.64 8.60
CA ASP E 19 9.64 -5.05 9.53
C ASP E 19 8.55 -6.06 9.86
N LEU E 20 8.57 -6.54 11.10
CA LEU E 20 7.63 -7.52 11.58
C LEU E 20 7.06 -7.12 12.96
N PRO E 21 6.36 -5.97 13.04
CA PRO E 21 5.75 -5.57 14.27
C PRO E 21 4.76 -6.57 14.81
N GLY E 22 4.86 -6.78 16.11
CA GLY E 22 3.97 -7.66 16.87
C GLY E 22 4.40 -9.11 16.91
N LEU E 23 5.50 -9.43 16.27
CA LEU E 23 6.02 -10.78 16.33
C LEU E 23 7.11 -10.88 17.46
N LYS E 24 7.14 -12.03 18.13
CA LYS E 24 8.30 -12.46 18.97
C LYS E 24 9.31 -13.26 18.16
N LYS E 25 10.59 -13.19 18.52
CA LYS E 25 11.66 -13.97 17.81
C LYS E 25 11.26 -15.42 17.61
N GLU E 26 10.61 -16.01 18.60
CA GLU E 26 10.25 -17.45 18.57
C GLU E 26 9.17 -17.75 17.56
N GLU E 27 8.40 -16.73 17.18
CA GLU E 27 7.40 -16.88 16.14
C GLU E 27 7.92 -16.70 14.73
N VAL E 28 9.15 -16.25 14.55
CA VAL E 28 9.67 -16.01 13.22
C VAL E 28 10.64 -17.11 12.83
N LYS E 29 10.33 -17.84 11.78
CA LYS E 29 11.21 -18.93 11.33
C LYS E 29 12.17 -18.38 10.30
N VAL E 30 13.44 -18.60 10.55
CA VAL E 30 14.47 -18.17 9.60
C VAL E 30 15.18 -19.43 9.18
N GLU E 31 15.15 -19.76 7.91
CA GLU E 31 15.61 -21.05 7.46
C GLU E 31 16.37 -20.93 6.20
N VAL E 32 17.30 -21.87 5.99
CA VAL E 32 18.02 -21.93 4.78
C VAL E 32 17.56 -23.17 4.04
N GLU E 33 17.25 -23.05 2.76
CA GLU E 33 16.88 -24.21 1.95
C GLU E 33 17.86 -24.46 0.83
N ASP E 34 17.71 -25.62 0.18
CA ASP E 34 18.62 -26.01 -0.90
C ASP E 34 18.71 -24.87 -1.91
N ASP E 35 19.90 -24.72 -2.47
CA ASP E 35 20.15 -23.73 -3.51
C ASP E 35 20.28 -22.31 -2.95
N ARG E 36 20.77 -22.18 -1.70
CA ARG E 36 21.17 -20.89 -1.15
C ARG E 36 19.95 -19.95 -0.98
N VAL E 37 18.82 -20.53 -0.62
CA VAL E 37 17.60 -19.76 -0.38
C VAL E 37 17.43 -19.46 1.09
N LEU E 38 17.28 -18.18 1.42
CA LEU E 38 16.93 -17.75 2.77
C LEU E 38 15.43 -17.57 2.78
N GLN E 39 14.77 -18.21 3.72
CA GLN E 39 13.38 -18.05 3.89
C GLN E 39 13.06 -17.48 5.28
N ILE E 40 12.24 -16.43 5.30
CA ILE E 40 11.73 -15.86 6.57
C ILE E 40 10.22 -16.05 6.56
N SER E 41 9.66 -16.62 7.60
CA SER E 41 8.24 -16.85 7.62
C SER E 41 7.68 -16.93 9.04
N GLY E 42 6.38 -16.97 9.11
CA GLY E 42 5.73 -17.13 10.38
C GLY E 42 4.32 -16.61 10.29
N GLU E 43 3.73 -16.40 11.45
CA GLU E 43 2.36 -15.99 11.55
C GLU E 43 2.16 -15.09 12.72
N ARG E 44 1.57 -13.94 12.43
CA ARG E 44 1.23 -12.99 13.41
C ARG E 44 -0.10 -13.37 14.02
N SER E 45 -0.07 -13.56 15.33
CA SER E 45 -1.22 -13.92 16.08
C SER E 45 -2.03 -12.68 16.41
N VAL E 46 -3.29 -12.91 16.74
CA VAL E 46 -4.20 -11.84 17.02
C VAL E 46 -4.73 -12.06 18.40
N GLU E 47 -4.71 -11.01 19.22
CA GLU E 47 -5.21 -11.10 20.59
C GLU E 47 -6.63 -11.62 20.61
N LYS E 48 -6.93 -12.50 21.58
CA LYS E 48 -8.28 -13.04 21.69
C LYS E 48 -9.20 -11.88 21.92
N GLU E 49 -10.33 -11.88 21.24
CA GLU E 49 -11.27 -10.82 21.38
C GLU E 49 -12.03 -11.00 22.67
N ASP E 50 -12.38 -9.88 23.28
CA ASP E 50 -13.30 -9.86 24.39
C ASP E 50 -14.63 -9.38 23.82
N LYS E 51 -15.71 -10.10 24.10
CA LYS E 51 -17.07 -9.68 23.69
C LYS E 51 -17.42 -8.26 24.11
N ASN E 52 -16.85 -7.77 25.20
CA ASN E 52 -17.18 -6.40 25.64
C ASN E 52 -16.43 -5.31 24.88
N ASP E 53 -15.53 -5.69 23.99
CA ASP E 53 -14.72 -4.72 23.25
C ASP E 53 -15.49 -4.21 22.05
N GLU E 54 -15.33 -2.93 21.78
CA GLU E 54 -15.97 -2.29 20.66
C GLU E 54 -14.87 -1.72 19.80
N TRP E 55 -14.93 -1.90 18.48
CA TRP E 55 -13.86 -1.46 17.60
C TRP E 55 -14.25 -0.17 16.93
N HIS E 56 -13.35 0.79 16.98
CA HIS E 56 -13.52 2.08 16.30
C HIS E 56 -12.69 2.18 15.04
N ARG E 57 -11.51 1.57 15.05
CA ARG E 57 -10.63 1.52 13.85
C ARG E 57 -10.00 0.15 13.78
N VAL E 58 -9.98 -0.43 12.59
CA VAL E 58 -9.26 -1.67 12.34
C VAL E 58 -8.41 -1.42 11.11
N GLU E 59 -7.10 -1.37 11.30
CA GLU E 59 -6.19 -1.19 10.20
C GLU E 59 -5.06 -2.22 10.14
N ARG E 60 -4.74 -2.87 11.24
CA ARG E 60 -3.55 -3.76 11.25
C ARG E 60 -3.86 -5.13 10.65
N SER E 61 -2.90 -5.69 9.97
CA SER E 61 -2.99 -7.00 9.35
C SER E 61 -2.50 -8.08 10.30
N SER E 62 -2.88 -9.31 9.98
CA SER E 62 -2.47 -10.46 10.71
C SER E 62 -2.31 -11.63 9.72
N GLY E 63 -1.96 -12.80 10.24
CA GLY E 63 -1.90 -14.01 9.41
C GLY E 63 -0.51 -14.28 8.94
N LYS E 64 -0.38 -15.24 8.07
CA LYS E 64 0.91 -15.72 7.64
C LYS E 64 1.70 -14.65 6.89
N PHE E 65 3.01 -14.70 7.00
CA PHE E 65 3.92 -13.98 6.11
C PHE E 65 5.09 -14.85 5.67
N LEU E 66 5.69 -14.52 4.53
CA LEU E 66 6.73 -15.33 3.92
C LEU E 66 7.48 -14.49 2.93
N ARG E 67 8.81 -14.50 3.03
CA ARG E 67 9.68 -13.97 1.96
C ARG E 67 10.84 -14.91 1.76
N ARG E 68 11.28 -15.01 0.49
CA ARG E 68 12.39 -15.88 0.11
C ARG E 68 13.39 -15.09 -0.71
N PHE E 69 14.67 -15.33 -0.48
CA PHE E 69 15.75 -14.62 -1.15
C PHE E 69 16.79 -15.63 -1.60
N ARG E 70 17.23 -15.52 -2.85
CA ARG E 70 18.28 -16.38 -3.34
C ARG E 70 19.63 -15.67 -3.17
N LEU E 71 20.48 -16.16 -2.29
CA LEU E 71 21.73 -15.46 -2.03
C LEU E 71 22.77 -15.85 -3.07
N PRO E 72 23.70 -14.94 -3.37
CA PRO E 72 24.81 -15.24 -4.26
C PRO E 72 25.82 -16.19 -3.63
N GLU E 73 26.73 -16.68 -4.48
CA GLU E 73 27.66 -17.75 -4.08
C GLU E 73 28.58 -17.31 -2.95
N ASN E 74 28.81 -16.01 -2.76
CA ASN E 74 29.72 -15.57 -1.68
C ASN E 74 29.18 -15.70 -0.24
N ALA E 75 27.91 -16.02 -0.11
CA ALA E 75 27.28 -16.09 1.20
C ALA E 75 27.60 -17.43 1.90
N LYS E 76 27.91 -17.35 3.19
CA LYS E 76 28.13 -18.55 3.99
C LYS E 76 26.82 -18.86 4.67
N MET E 77 26.00 -19.64 3.99
CA MET E 77 24.64 -19.92 4.42
C MET E 77 24.56 -20.61 5.77
N ASP E 78 25.60 -21.34 6.16
CA ASP E 78 25.53 -22.07 7.42
C ASP E 78 25.87 -21.25 8.62
N LYS E 79 26.22 -19.99 8.40
CA LYS E 79 26.59 -19.11 9.49
C LYS E 79 25.53 -18.04 9.69
N VAL E 80 24.32 -18.29 9.21
CA VAL E 80 23.24 -17.35 9.38
C VAL E 80 22.97 -17.08 10.86
N LYS E 81 22.72 -15.80 11.20
CA LYS E 81 22.23 -15.46 12.53
C LYS E 81 21.09 -14.45 12.40
N ALA E 82 20.26 -14.40 13.45
CA ALA E 82 19.08 -13.58 13.43
C ALA E 82 18.86 -13.03 14.83
N SER E 83 18.35 -11.83 14.89
CA SER E 83 17.88 -11.22 16.13
C SER E 83 16.70 -10.33 15.86
N MET E 84 15.92 -10.01 16.92
CA MET E 84 14.83 -9.05 16.77
C MET E 84 14.88 -8.01 17.86
N GLU E 85 14.57 -6.78 17.48
CA GLU E 85 14.45 -5.71 18.43
C GLU E 85 13.49 -4.65 17.83
N ASN E 86 12.54 -4.15 18.61
CA ASN E 86 11.63 -3.12 18.14
C ASN E 86 10.83 -3.51 16.95
N GLY E 87 10.48 -4.81 16.86
CA GLY E 87 9.65 -5.25 15.75
C GLY E 87 10.43 -5.39 14.43
N VAL E 88 11.74 -5.30 14.47
CA VAL E 88 12.60 -5.46 13.29
C VAL E 88 13.40 -6.73 13.42
N LEU E 89 13.28 -7.64 12.44
CA LEU E 89 14.16 -8.83 12.37
C LEU E 89 15.42 -8.51 11.56
N THR E 90 16.58 -8.78 12.13
CA THR E 90 17.82 -8.60 11.39
C THR E 90 18.41 -9.98 11.16
N VAL E 91 18.64 -10.33 9.89
CA VAL E 91 19.23 -11.62 9.51
C VAL E 91 20.54 -11.27 8.86
N THR E 92 21.61 -11.84 9.40
CA THR E 92 22.96 -11.62 8.86
C THR E 92 23.50 -12.94 8.30
N VAL E 93 23.93 -12.92 7.04
CA VAL E 93 24.57 -14.06 6.43
C VAL E 93 26.00 -13.62 6.09
N PRO E 94 26.98 -14.04 6.90
CA PRO E 94 28.38 -13.70 6.63
C PRO E 94 28.90 -14.12 5.25
N LYS E 95 29.88 -13.38 4.74
CA LYS E 95 30.60 -13.71 3.49
C LYS E 95 32.01 -14.21 3.74
N SER F 2 1.44 5.31 5.58
CA SER F 2 0.67 5.69 6.81
C SER F 2 0.67 4.62 7.92
N THR F 3 0.78 5.07 9.12
CA THR F 3 0.85 4.17 10.26
C THR F 3 -0.44 3.42 10.43
N ARG F 4 -0.38 2.10 10.57
CA ARG F 4 -1.57 1.30 10.82
C ARG F 4 -1.90 1.34 12.30
N VAL F 5 -3.12 1.78 12.63
CA VAL F 5 -3.53 1.89 14.01
C VAL F 5 -4.88 1.27 14.23
N ASP F 6 -4.96 0.38 15.23
CA ASP F 6 -6.24 -0.17 15.65
C ASP F 6 -6.69 0.63 16.91
N TRP F 7 -8.00 0.83 17.04
CA TRP F 7 -8.56 1.50 18.19
C TRP F 7 -9.75 0.70 18.65
N LYS F 8 -9.69 0.23 19.89
CA LYS F 8 -10.78 -0.52 20.50
C LYS F 8 -11.16 0.19 21.78
N GLU F 9 -12.40 0.04 22.17
CA GLU F 9 -12.89 0.59 23.42
C GLU F 9 -13.43 -0.54 24.27
N THR F 10 -12.83 -0.69 25.46
CA THR F 10 -13.26 -1.69 26.42
C THR F 10 -14.11 -0.96 27.45
N PRO F 11 -14.72 -1.71 28.39
CA PRO F 11 -15.44 -1.00 29.43
C PRO F 11 -14.51 -0.09 30.25
N GLU F 12 -13.21 -0.44 30.31
CA GLU F 12 -12.24 0.26 31.16
C GLU F 12 -11.43 1.34 30.46
N ALA F 13 -11.26 1.23 29.15
CA ALA F 13 -10.32 2.12 28.45
C ALA F 13 -10.45 2.12 26.93
N HIS F 14 -9.91 3.19 26.34
CA HIS F 14 -9.65 3.24 24.91
C HIS F 14 -8.25 2.74 24.72
N VAL F 15 -8.09 1.76 23.83
CA VAL F 15 -6.81 1.15 23.61
C VAL F 15 -6.45 1.26 22.12
N PHE F 16 -5.31 1.94 21.87
CA PHE F 16 -4.79 2.17 20.55
C PHE F 16 -3.53 1.32 20.40
N LYS F 17 -3.44 0.64 19.26
CA LYS F 17 -2.23 -0.13 18.93
C LYS F 17 -1.74 0.30 17.59
N ALA F 18 -0.53 0.87 17.56
CA ALA F 18 0.08 1.38 16.29
C ALA F 18 1.31 0.56 15.95
N ASP F 19 1.38 0.12 14.69
CA ASP F 19 2.57 -0.63 14.23
C ASP F 19 3.63 0.40 13.88
N LEU F 20 4.71 0.42 14.65
CA LEU F 20 5.78 1.35 14.48
C LEU F 20 7.13 0.63 14.58
N PRO F 21 7.35 -0.35 13.70
CA PRO F 21 8.61 -1.05 13.79
C PRO F 21 9.78 -0.12 13.67
N GLY F 22 10.78 -0.40 14.49
CA GLY F 22 12.07 0.28 14.39
C GLY F 22 12.15 1.52 15.28
N LEU F 23 11.05 1.89 15.88
CA LEU F 23 11.03 3.04 16.79
C LEU F 23 11.20 2.62 18.23
N LYS F 24 11.97 3.40 19.01
CA LYS F 24 11.97 3.27 20.45
C LYS F 24 10.90 4.11 21.05
N LYS F 25 10.42 3.73 22.21
CA LYS F 25 9.40 4.53 22.92
C LYS F 25 9.75 5.99 23.04
N GLU F 26 11.01 6.29 23.33
CA GLU F 26 11.45 7.71 23.56
C GLU F 26 11.31 8.51 22.26
N GLU F 27 11.31 7.85 21.10
CA GLU F 27 11.16 8.52 19.79
C GLU F 27 9.70 8.79 19.38
N VAL F 28 8.73 8.24 20.07
CA VAL F 28 7.34 8.34 19.69
C VAL F 28 6.72 9.37 20.65
N LYS F 29 6.23 10.46 20.12
CA LYS F 29 5.59 11.45 20.89
C LYS F 29 4.10 11.13 20.97
N VAL F 30 3.60 10.95 22.18
CA VAL F 30 2.21 10.70 22.44
C VAL F 30 1.71 11.87 23.22
N GLU F 31 0.76 12.64 22.66
CA GLU F 31 0.34 13.85 23.38
C GLU F 31 -1.14 14.05 23.21
N VAL F 32 -1.66 14.84 24.12
CA VAL F 32 -3.03 15.20 24.10
C VAL F 32 -3.12 16.69 23.76
N GLU F 33 -4.01 17.03 22.83
CA GLU F 33 -4.23 18.44 22.48
C GLU F 33 -5.64 18.85 22.83
N ASP F 34 -5.90 20.14 22.73
CA ASP F 34 -7.20 20.68 23.04
C ASP F 34 -8.25 19.93 22.28
N ASP F 35 -9.39 19.76 22.92
CA ASP F 35 -10.55 19.15 22.27
C ASP F 35 -10.43 17.62 22.21
N ARG F 36 -9.74 17.05 23.20
CA ARG F 36 -9.75 15.61 23.41
C ARG F 36 -9.12 14.89 22.20
N VAL F 37 -8.10 15.51 21.63
CA VAL F 37 -7.38 14.89 20.53
C VAL F 37 -6.12 14.18 21.03
N LEU F 38 -5.98 12.92 20.66
CA LEU F 38 -4.78 12.16 20.93
C LEU F 38 -3.94 12.20 19.66
N GLN F 39 -2.70 12.62 19.81
CA GLN F 39 -1.79 12.65 18.68
C GLN F 39 -0.59 11.75 18.92
N ILE F 40 -0.27 10.93 17.91
CA ILE F 40 0.93 10.08 17.94
C ILE F 40 1.83 10.52 16.78
N SER F 41 3.09 10.86 17.05
CA SER F 41 3.97 11.32 15.98
C SER F 41 5.44 11.01 16.29
N GLY F 42 6.27 11.19 15.28
CA GLY F 42 7.66 11.02 15.43
C GLY F 42 8.31 10.82 14.10
N GLU F 43 9.52 10.30 14.14
CA GLU F 43 10.31 10.10 12.98
C GLU F 43 11.21 8.91 13.10
N ARG F 44 11.11 8.04 12.13
CA ARG F 44 11.94 6.87 12.07
C ARG F 44 13.24 7.28 11.41
N SER F 45 14.33 7.09 12.15
CA SER F 45 15.62 7.42 11.69
C SER F 45 16.14 6.27 10.80
N VAL F 46 17.15 6.59 10.01
CA VAL F 46 17.74 5.65 9.08
C VAL F 46 19.20 5.51 9.42
N GLU F 47 19.67 4.27 9.57
CA GLU F 47 21.09 3.98 9.83
C GLU F 47 21.97 4.62 8.74
N LYS F 48 23.11 5.21 9.15
CA LYS F 48 24.06 5.80 8.20
C LYS F 48 24.62 4.66 7.33
N GLU F 49 24.73 4.91 6.04
CA GLU F 49 25.35 3.96 5.15
C GLU F 49 26.84 4.02 5.36
N ASP F 50 27.49 2.89 5.19
CA ASP F 50 28.98 2.83 5.08
C ASP F 50 29.37 2.69 3.63
N LYS F 51 30.56 3.20 3.32
CA LYS F 51 31.00 3.43 1.94
C LYS F 51 30.94 2.19 1.04
N ASN F 52 31.18 1.02 1.61
CA ASN F 52 31.14 -0.19 0.81
C ASN F 52 29.79 -0.83 0.70
N ASP F 53 28.78 -0.24 1.33
CA ASP F 53 27.50 -0.89 1.34
C ASP F 53 26.98 -0.90 -0.08
N GLU F 54 26.31 -1.97 -0.42
CA GLU F 54 25.58 -2.05 -1.64
C GLU F 54 24.16 -2.54 -1.33
N TRP F 55 23.17 -2.01 -2.01
CA TRP F 55 21.78 -2.42 -1.73
C TRP F 55 21.27 -3.38 -2.78
N HIS F 56 20.57 -4.43 -2.35
CA HIS F 56 19.86 -5.33 -3.25
C HIS F 56 18.33 -5.13 -3.21
N ARG F 57 17.81 -4.78 -2.04
CA ARG F 57 16.39 -4.47 -1.92
C ARG F 57 16.27 -3.30 -0.97
N VAL F 58 15.44 -2.30 -1.33
CA VAL F 58 15.07 -1.22 -0.45
C VAL F 58 13.55 -1.16 -0.44
N GLU F 59 12.94 -1.49 0.71
CA GLU F 59 11.48 -1.55 0.82
C GLU F 59 10.93 -0.87 2.05
N ARG F 60 11.73 -0.68 3.07
CA ARG F 60 11.21 -0.19 4.36
C ARG F 60 11.01 1.32 4.35
N SER F 61 9.95 1.77 5.00
CA SER F 61 9.69 3.20 5.08
C SER F 61 10.60 3.84 6.12
N SER F 62 10.70 5.17 6.04
CA SER F 62 11.33 5.98 7.03
C SER F 62 10.69 7.40 7.02
N GLY F 63 11.17 8.28 7.87
CA GLY F 63 10.70 9.65 7.88
C GLY F 63 9.56 9.80 8.83
N LYS F 64 8.93 10.95 8.75
CA LYS F 64 7.94 11.37 9.72
C LYS F 64 6.69 10.54 9.66
N PHE F 65 6.01 10.36 10.78
CA PHE F 65 4.68 9.83 10.82
C PHE F 65 3.83 10.63 11.80
N LEU F 66 2.52 10.63 11.55
CA LEU F 66 1.54 11.38 12.37
C LEU F 66 0.17 10.76 12.23
N ARG F 67 -0.50 10.54 13.35
CA ARG F 67 -1.92 10.19 13.38
C ARG F 67 -2.60 10.89 14.53
N ARG F 68 -3.86 11.23 14.34
CA ARG F 68 -4.66 11.97 15.35
C ARG F 68 -6.02 11.34 15.49
N PHE F 69 -6.53 11.31 16.72
CA PHE F 69 -7.83 10.70 17.03
C PHE F 69 -8.61 11.60 17.97
N ARG F 70 -9.88 11.83 17.68
CA ARG F 70 -10.70 12.62 18.55
C ARG F 70 -11.40 11.66 19.49
N LEU F 71 -11.07 11.68 20.77
CA LEU F 71 -11.71 10.75 21.71
C LEU F 71 -13.06 11.27 22.16
N PRO F 72 -13.96 10.35 22.54
CA PRO F 72 -15.27 10.75 23.07
C PRO F 72 -15.16 11.24 24.51
N GLU F 73 -16.27 11.79 25.02
CA GLU F 73 -16.30 12.47 26.29
C GLU F 73 -15.94 11.55 27.45
N ASN F 74 -16.13 10.24 27.31
CA ASN F 74 -15.86 9.32 28.44
C ASN F 74 -14.37 9.06 28.71
N ALA F 75 -13.51 9.58 27.85
CA ALA F 75 -12.08 9.34 28.02
C ALA F 75 -11.44 10.30 29.00
N LYS F 76 -10.57 9.77 29.87
CA LYS F 76 -9.87 10.60 30.85
C LYS F 76 -8.50 10.95 30.25
N MET F 77 -8.46 12.07 29.53
CA MET F 77 -7.34 12.41 28.70
C MET F 77 -6.09 12.68 29.52
N ASP F 78 -6.23 13.05 30.78
CA ASP F 78 -5.06 13.37 31.60
C ASP F 78 -4.40 12.11 32.14
N LYS F 79 -4.97 10.95 31.88
CA LYS F 79 -4.44 9.70 32.42
C LYS F 79 -3.86 8.80 31.33
N VAL F 80 -3.57 9.36 30.17
CA VAL F 80 -3.01 8.57 29.06
C VAL F 80 -1.71 7.90 29.45
N LYS F 81 -1.56 6.63 29.07
CA LYS F 81 -0.29 5.92 29.19
C LYS F 81 0.09 5.29 27.86
N ALA F 82 1.37 5.03 27.69
CA ALA F 82 1.85 4.42 26.49
C ALA F 82 2.99 3.45 26.81
N SER F 83 3.09 2.38 26.03
CA SER F 83 4.24 1.46 26.11
C SER F 83 4.49 0.87 24.77
N MET F 84 5.69 0.30 24.59
CA MET F 84 5.98 -0.36 23.32
C MET F 84 6.58 -1.74 23.56
N GLU F 85 6.20 -2.69 22.73
CA GLU F 85 6.80 -4.02 22.75
C GLU F 85 6.67 -4.62 21.34
N ASN F 86 7.72 -5.25 20.85
CA ASN F 86 7.68 -5.86 19.50
C ASN F 86 7.33 -4.86 18.37
N GLY F 87 7.74 -3.61 18.49
CA GLY F 87 7.47 -2.57 17.47
C GLY F 87 6.01 -2.12 17.47
N VAL F 88 5.24 -2.46 18.50
CA VAL F 88 3.84 -2.05 18.59
C VAL F 88 3.69 -1.08 19.77
N LEU F 89 3.16 0.11 19.46
CA LEU F 89 2.87 1.12 20.51
C LEU F 89 1.47 0.90 21.00
N THR F 90 1.32 0.67 22.31
CA THR F 90 0.00 0.58 22.91
C THR F 90 -0.22 1.88 23.68
N VAL F 91 -1.28 2.62 23.31
CA VAL F 91 -1.69 3.83 24.07
C VAL F 91 -3.04 3.52 24.73
N THR F 92 -3.09 3.71 26.02
CA THR F 92 -4.28 3.43 26.79
C THR F 92 -4.82 4.73 27.40
N VAL F 93 -6.08 5.03 27.14
CA VAL F 93 -6.71 6.20 27.70
C VAL F 93 -7.88 5.68 28.55
N PRO F 94 -7.71 5.69 29.88
CA PRO F 94 -8.74 5.16 30.76
C PRO F 94 -10.08 5.87 30.61
N LYS F 95 -11.16 5.15 30.93
CA LYS F 95 -12.52 5.75 31.03
C LYS F 95 -12.97 5.91 32.46
#